data_3C9U
#
_entry.id   3C9U
#
_cell.length_a   60.573
_cell.length_b   66.221
_cell.length_c   196.990
_cell.angle_alpha   90.000
_cell.angle_beta   90.000
_cell.angle_gamma   90.000
#
_symmetry.space_group_name_H-M   'P 21 21 21'
#
loop_
_entity.id
_entity.type
_entity.pdbx_description
1 polymer 'Thiamine monophosphate kinase'
2 non-polymer 'MAGNESIUM ION'
3 non-polymer 'THIAMINE DIPHOSPHATE'
4 non-polymer "ADENOSINE-5'-DIPHOSPHATE"
5 water water
#
_entity_poly.entity_id   1
_entity_poly.type   'polypeptide(L)'
_entity_poly.pdbx_seq_one_letter_code
;MGSHHHHHHDITSLYKKAGSAAAVLEENLYFQGSFTMRLKELGEFGLIDLIKKTLESKVIGDDTAPVEYCSKKLLLTTDV
LNEGVHFLRSYIPEAVGWKAISVNVSDVIANGGLPKWALISLNLPEDLEVSYVERFYIGVKRACEFYKCEVVGGNISKSE
KIGISVFLVGETERFVGRDGARLGDSVFVSGTLGDSRAGLELLLMEKEEYEPFELALIQRHLRPTARIDYVKHIQKYANA
SMDISDGLVADANHLAQRSGVKIEILSEKLPLSNELKMYCEKYGKNPIEYALFGGEDYQLLFTHPKERWNPFLDMTEIGR
VEEGEGVFVDGKKVEPKGWKHF
;
_entity_poly.pdbx_strand_id   A,B
#
# COMPACT_ATOMS: atom_id res chain seq x y z
N PHE A 35 -6.60 31.39 2.13
CA PHE A 35 -6.34 31.89 0.75
C PHE A 35 -5.19 31.11 0.11
N THR A 36 -5.20 29.80 0.30
CA THR A 36 -4.16 28.94 -0.26
C THR A 36 -4.79 27.87 -1.13
N MET A 37 -4.12 27.52 -2.22
CA MET A 37 -4.63 26.52 -3.15
C MET A 37 -4.91 25.18 -2.48
N ARG A 38 -6.10 24.64 -2.71
CA ARG A 38 -6.50 23.36 -2.15
C ARG A 38 -6.51 22.30 -3.25
N LEU A 39 -6.52 21.04 -2.86
CA LEU A 39 -6.52 19.95 -3.83
C LEU A 39 -7.65 20.03 -4.85
N LYS A 40 -8.86 20.34 -4.39
CA LYS A 40 -10.00 20.43 -5.29
C LYS A 40 -9.82 21.47 -6.39
N GLU A 41 -8.93 22.44 -6.16
CA GLU A 41 -8.68 23.48 -7.15
C GLU A 41 -7.63 23.05 -8.17
N LEU A 42 -6.61 22.35 -7.72
CA LEU A 42 -5.55 21.89 -8.61
C LEU A 42 -5.96 20.67 -9.42
N GLY A 43 -6.64 19.74 -8.76
CA GLY A 43 -7.06 18.53 -9.44
C GLY A 43 -6.08 17.39 -9.19
N GLU A 44 -6.59 16.17 -9.26
CA GLU A 44 -5.76 14.98 -9.04
C GLU A 44 -4.53 14.88 -9.91
N PHE A 45 -4.69 15.08 -11.22
CA PHE A 45 -3.54 14.95 -12.10
C PHE A 45 -2.57 16.11 -12.04
N GLY A 46 -3.06 17.28 -11.67
CA GLY A 46 -2.17 18.43 -11.52
C GLY A 46 -1.30 18.17 -10.30
N LEU A 47 -1.89 17.50 -9.30
CA LEU A 47 -1.20 17.17 -8.07
C LEU A 47 -0.13 16.12 -8.34
N ILE A 48 -0.46 15.12 -9.16
CA ILE A 48 0.50 14.08 -9.50
C ILE A 48 1.66 14.71 -10.27
N ASP A 49 1.38 15.71 -11.11
CA ASP A 49 2.43 16.37 -11.87
C ASP A 49 3.39 17.04 -10.90
N LEU A 50 2.84 17.65 -9.85
CA LEU A 50 3.66 18.31 -8.84
C LEU A 50 4.49 17.30 -8.06
N ILE A 51 3.88 16.17 -7.75
CA ILE A 51 4.58 15.11 -7.01
C ILE A 51 5.74 14.58 -7.85
N LYS A 52 5.47 14.33 -9.13
CA LYS A 52 6.49 13.82 -10.04
C LYS A 52 7.66 14.79 -10.11
N LYS A 53 7.35 16.07 -10.22
CA LYS A 53 8.39 17.09 -10.30
C LYS A 53 9.21 17.18 -9.00
N THR A 54 8.52 17.13 -7.87
CA THR A 54 9.18 17.21 -6.58
C THR A 54 10.16 16.05 -6.42
N LEU A 55 9.74 14.87 -6.85
CA LEU A 55 10.57 13.68 -6.76
C LEU A 55 11.62 13.60 -7.87
N GLU A 56 11.48 14.44 -8.87
CA GLU A 56 12.41 14.44 -10.01
C GLU A 56 12.34 13.04 -10.63
N SER A 57 11.13 12.49 -10.66
CA SER A 57 10.90 11.16 -11.19
C SER A 57 10.70 11.11 -12.69
N LYS A 58 11.29 10.10 -13.33
CA LYS A 58 11.16 9.93 -14.76
C LYS A 58 10.26 8.72 -15.03
N VAL A 59 10.16 7.83 -14.05
CA VAL A 59 9.38 6.62 -14.19
C VAL A 59 7.87 6.78 -13.98
N ILE A 60 7.47 7.77 -13.19
CA ILE A 60 6.05 8.00 -12.94
C ILE A 60 5.32 8.40 -14.22
N GLY A 61 4.12 7.86 -14.40
CA GLY A 61 3.33 8.18 -15.58
C GLY A 61 2.56 7.04 -16.19
N ASP A 62 2.94 5.80 -15.84
CA ASP A 62 2.27 4.63 -16.39
C ASP A 62 1.50 3.87 -15.32
N ASP A 63 0.75 2.87 -15.76
CA ASP A 63 -0.09 2.05 -14.89
C ASP A 63 0.72 1.31 -13.83
N THR A 64 2.00 1.11 -14.11
CA THR A 64 2.91 0.46 -13.19
C THR A 64 4.24 1.17 -13.28
N ALA A 65 5.11 0.91 -12.32
CA ALA A 65 6.44 1.48 -12.33
C ALA A 65 7.37 0.32 -12.66
N PRO A 66 8.03 0.38 -13.82
CA PRO A 66 8.95 -0.72 -14.17
C PRO A 66 10.31 -0.47 -13.56
N VAL A 67 10.88 -1.50 -12.95
CA VAL A 67 12.20 -1.39 -12.35
C VAL A 67 13.04 -2.55 -12.87
N GLU A 68 14.27 -2.24 -13.28
CA GLU A 68 15.17 -3.27 -13.81
C GLU A 68 15.70 -4.13 -12.68
N TYR A 69 15.59 -5.44 -12.84
CA TYR A 69 16.09 -6.35 -11.83
C TYR A 69 16.25 -7.75 -12.41
N CYS A 70 17.46 -8.29 -12.28
CA CYS A 70 17.76 -9.62 -12.77
C CYS A 70 17.48 -9.79 -14.26
N SER A 71 18.00 -8.88 -15.07
CA SER A 71 17.83 -8.93 -16.52
C SER A 71 16.39 -8.80 -16.99
N LYS A 72 15.46 -8.67 -16.04
CA LYS A 72 14.05 -8.52 -16.37
C LYS A 72 13.51 -7.26 -15.72
N LYS A 73 12.20 -7.08 -15.79
CA LYS A 73 11.58 -5.92 -15.18
C LYS A 73 10.46 -6.29 -14.23
N LEU A 74 10.47 -5.68 -13.05
CA LEU A 74 9.42 -5.90 -12.07
C LEU A 74 8.51 -4.70 -12.25
N LEU A 75 7.21 -4.93 -12.12
CA LEU A 75 6.23 -3.86 -12.27
C LEU A 75 5.57 -3.63 -10.92
N LEU A 76 5.67 -2.42 -10.39
CA LEU A 76 5.10 -2.11 -9.09
C LEU A 76 3.90 -1.19 -9.25
N THR A 77 2.82 -1.49 -8.52
CA THR A 77 1.63 -0.66 -8.59
C THR A 77 0.77 -0.78 -7.34
N THR A 78 -0.09 0.21 -7.12
CA THR A 78 -1.00 0.20 -5.97
C THR A 78 -2.29 0.94 -6.31
N ASP A 79 -3.40 0.29 -5.99
CA ASP A 79 -4.74 0.86 -6.19
C ASP A 79 -5.49 0.53 -4.91
N VAL A 80 -6.50 1.32 -4.60
CA VAL A 80 -7.23 1.13 -3.35
C VAL A 80 -8.74 1.17 -3.50
N LEU A 81 -9.41 0.67 -2.47
CA LEU A 81 -10.88 0.68 -2.42
C LEU A 81 -11.23 1.29 -1.07
N ASN A 82 -11.83 2.47 -1.09
CA ASN A 82 -12.21 3.14 0.15
C ASN A 82 -13.72 3.21 0.32
N GLU A 83 -14.20 2.95 1.53
CA GLU A 83 -15.63 2.98 1.81
C GLU A 83 -16.22 4.34 1.47
N GLY A 84 -17.31 4.33 0.71
CA GLY A 84 -17.95 5.56 0.31
C GLY A 84 -17.36 6.17 -0.95
N VAL A 85 -16.22 5.63 -1.40
CA VAL A 85 -15.58 6.13 -2.60
C VAL A 85 -15.63 5.08 -3.72
N HIS A 86 -15.25 3.86 -3.38
CA HIS A 86 -15.23 2.77 -4.35
C HIS A 86 -16.27 1.68 -4.10
N PHE A 87 -16.78 1.61 -2.88
CA PHE A 87 -17.76 0.58 -2.52
C PHE A 87 -18.49 1.01 -1.26
N LEU A 88 -19.51 0.24 -0.90
CA LEU A 88 -20.27 0.52 0.31
C LEU A 88 -20.10 -0.66 1.26
N ARG A 89 -20.15 -0.40 2.56
CA ARG A 89 -19.98 -1.47 3.54
C ARG A 89 -21.04 -2.55 3.41
N SER A 90 -22.17 -2.20 2.80
CA SER A 90 -23.25 -3.16 2.63
C SER A 90 -23.00 -4.20 1.53
N TYR A 91 -21.99 -3.96 0.69
CA TYR A 91 -21.69 -4.91 -0.39
C TYR A 91 -21.11 -6.20 0.19
N ILE A 92 -21.32 -7.31 -0.50
CA ILE A 92 -20.80 -8.59 -0.05
C ILE A 92 -19.27 -8.47 -0.01
N PRO A 93 -18.65 -8.74 1.15
CA PRO A 93 -17.20 -8.64 1.28
C PRO A 93 -16.37 -9.51 0.35
N GLU A 94 -16.87 -10.71 0.02
CA GLU A 94 -16.13 -11.58 -0.88
C GLU A 94 -15.86 -10.89 -2.21
N ALA A 95 -16.85 -10.16 -2.72
CA ALA A 95 -16.71 -9.45 -3.98
C ALA A 95 -15.70 -8.32 -3.86
N VAL A 96 -15.72 -7.64 -2.72
CA VAL A 96 -14.80 -6.54 -2.48
C VAL A 96 -13.36 -7.07 -2.50
N GLY A 97 -13.16 -8.24 -1.89
CA GLY A 97 -11.84 -8.85 -1.87
C GLY A 97 -11.39 -9.21 -3.29
N TRP A 98 -12.29 -9.82 -4.05
CA TRP A 98 -11.96 -10.18 -5.42
C TRP A 98 -11.62 -8.91 -6.20
N LYS A 99 -12.44 -7.88 -6.07
CA LYS A 99 -12.20 -6.63 -6.78
C LYS A 99 -10.88 -5.96 -6.39
N ALA A 100 -10.56 -5.98 -5.09
CA ALA A 100 -9.33 -5.37 -4.60
C ALA A 100 -8.11 -5.93 -5.33
N ILE A 101 -8.06 -7.24 -5.49
CA ILE A 101 -6.95 -7.86 -6.19
C ILE A 101 -7.05 -7.60 -7.70
N SER A 102 -8.24 -7.81 -8.25
CA SER A 102 -8.45 -7.62 -9.68
C SER A 102 -8.07 -6.25 -10.24
N VAL A 103 -8.44 -5.19 -9.55
CA VAL A 103 -8.12 -3.87 -10.06
C VAL A 103 -6.62 -3.62 -10.09
N ASN A 104 -5.89 -4.25 -9.17
CA ASN A 104 -4.45 -4.08 -9.15
C ASN A 104 -3.81 -4.95 -10.22
N VAL A 105 -4.32 -6.16 -10.39
CA VAL A 105 -3.79 -7.02 -11.43
C VAL A 105 -4.01 -6.33 -12.78
N SER A 106 -5.10 -5.59 -12.90
CA SER A 106 -5.41 -4.88 -14.14
C SER A 106 -4.28 -3.94 -14.55
N ASP A 107 -3.74 -3.16 -13.62
CA ASP A 107 -2.63 -2.25 -13.94
C ASP A 107 -1.40 -3.03 -14.40
N VAL A 108 -1.12 -4.15 -13.74
CA VAL A 108 0.03 -4.98 -14.09
C VAL A 108 -0.09 -5.60 -15.48
N ILE A 109 -1.20 -6.27 -15.76
CA ILE A 109 -1.36 -6.90 -17.07
C ILE A 109 -1.48 -5.86 -18.19
N ALA A 110 -1.96 -4.67 -17.85
CA ALA A 110 -2.11 -3.60 -18.85
C ALA A 110 -0.78 -3.12 -19.41
N ASN A 111 0.31 -3.33 -18.65
CA ASN A 111 1.62 -2.92 -19.10
C ASN A 111 2.47 -4.14 -19.51
N GLY A 112 1.78 -5.25 -19.77
CA GLY A 112 2.47 -6.47 -20.21
C GLY A 112 3.06 -7.40 -19.19
N GLY A 113 2.67 -7.26 -17.92
CA GLY A 113 3.23 -8.14 -16.91
C GLY A 113 2.27 -9.15 -16.30
N LEU A 114 2.82 -10.06 -15.50
CA LEU A 114 2.03 -11.06 -14.80
C LEU A 114 2.19 -10.77 -13.32
N PRO A 115 1.09 -10.84 -12.56
CA PRO A 115 1.14 -10.58 -11.12
C PRO A 115 1.86 -11.66 -10.33
N LYS A 116 2.58 -11.26 -9.29
CA LYS A 116 3.34 -12.21 -8.48
C LYS A 116 3.06 -12.14 -6.98
N TRP A 117 3.42 -11.02 -6.36
CA TRP A 117 3.25 -10.86 -4.92
C TRP A 117 2.51 -9.60 -4.55
N ALA A 118 1.61 -9.72 -3.58
CA ALA A 118 0.85 -8.55 -3.15
C ALA A 118 0.82 -8.38 -1.64
N LEU A 119 0.60 -7.15 -1.21
CA LEU A 119 0.48 -6.81 0.20
C LEU A 119 -0.83 -6.07 0.33
N ILE A 120 -1.50 -6.21 1.46
CA ILE A 120 -2.75 -5.51 1.69
C ILE A 120 -2.73 -4.73 2.99
N SER A 121 -2.90 -3.42 2.87
CA SER A 121 -2.95 -2.53 4.03
C SER A 121 -4.40 -2.19 4.28
N LEU A 122 -4.89 -2.52 5.48
CA LEU A 122 -6.27 -2.27 5.82
C LEU A 122 -6.47 -1.22 6.90
N ASN A 123 -7.43 -0.33 6.68
CA ASN A 123 -7.82 0.66 7.67
C ASN A 123 -9.17 0.08 8.09
N LEU A 124 -9.29 -0.31 9.35
CA LEU A 124 -10.53 -0.94 9.81
C LEU A 124 -11.17 -0.36 11.06
N PRO A 125 -12.51 -0.23 11.04
CA PRO A 125 -13.27 0.29 12.18
C PRO A 125 -13.35 -0.84 13.20
N GLU A 126 -13.15 -0.53 14.48
CA GLU A 126 -13.16 -1.57 15.50
C GLU A 126 -14.51 -2.29 15.67
N ASP A 127 -15.58 -1.69 15.17
CA ASP A 127 -16.91 -2.30 15.29
C ASP A 127 -17.23 -3.24 14.12
N LEU A 128 -16.30 -3.33 13.17
CA LEU A 128 -16.52 -4.17 12.01
C LEU A 128 -16.56 -5.65 12.41
N GLU A 129 -17.40 -6.42 11.75
CA GLU A 129 -17.50 -7.84 12.05
C GLU A 129 -16.24 -8.58 11.61
N VAL A 130 -15.78 -9.50 12.44
CA VAL A 130 -14.60 -10.29 12.12
C VAL A 130 -14.88 -11.08 10.85
N SER A 131 -16.12 -11.56 10.71
CA SER A 131 -16.53 -12.34 9.55
C SER A 131 -16.39 -11.53 8.26
N TYR A 132 -16.57 -10.21 8.35
CA TYR A 132 -16.45 -9.37 7.16
C TYR A 132 -15.02 -9.48 6.63
N VAL A 133 -14.06 -9.34 7.53
CA VAL A 133 -12.65 -9.42 7.14
C VAL A 133 -12.31 -10.82 6.63
N GLU A 134 -12.85 -11.85 7.27
CA GLU A 134 -12.58 -13.22 6.83
C GLU A 134 -13.11 -13.45 5.41
N ARG A 135 -14.34 -13.04 5.17
CA ARG A 135 -14.94 -13.20 3.85
C ARG A 135 -14.21 -12.37 2.80
N PHE A 136 -13.71 -11.22 3.21
CA PHE A 136 -12.94 -10.35 2.31
C PHE A 136 -11.73 -11.14 1.83
N TYR A 137 -11.05 -11.79 2.76
CA TYR A 137 -9.86 -12.56 2.42
C TYR A 137 -10.18 -13.84 1.66
N ILE A 138 -11.39 -14.36 1.79
CA ILE A 138 -11.75 -15.54 1.04
C ILE A 138 -11.84 -15.10 -0.42
N GLY A 139 -12.34 -13.88 -0.63
CA GLY A 139 -12.45 -13.35 -1.98
C GLY A 139 -11.07 -13.04 -2.52
N VAL A 140 -10.20 -12.52 -1.67
CA VAL A 140 -8.83 -12.21 -2.06
C VAL A 140 -8.12 -13.50 -2.47
N LYS A 141 -8.32 -14.54 -1.68
CA LYS A 141 -7.70 -15.84 -1.93
C LYS A 141 -8.15 -16.39 -3.29
N ARG A 142 -9.44 -16.29 -3.58
CA ARG A 142 -9.95 -16.78 -4.86
C ARG A 142 -9.32 -16.04 -6.02
N ALA A 143 -9.23 -14.72 -5.91
CA ALA A 143 -8.65 -13.92 -6.96
C ALA A 143 -7.18 -14.28 -7.17
N CYS A 144 -6.45 -14.45 -6.07
CA CYS A 144 -5.04 -14.81 -6.17
C CYS A 144 -4.87 -16.15 -6.86
N GLU A 145 -5.74 -17.10 -6.55
CA GLU A 145 -5.65 -18.42 -7.17
C GLU A 145 -5.92 -18.31 -8.67
N PHE A 146 -6.87 -17.46 -9.04
CA PHE A 146 -7.21 -17.28 -10.46
C PHE A 146 -6.10 -16.59 -11.25
N TYR A 147 -5.55 -15.51 -10.70
CA TYR A 147 -4.51 -14.76 -11.38
C TYR A 147 -3.11 -15.34 -11.16
N LYS A 148 -3.02 -16.35 -10.30
CA LYS A 148 -1.77 -17.02 -9.98
C LYS A 148 -0.75 -16.14 -9.25
N CYS A 149 -1.22 -15.40 -8.25
CA CYS A 149 -0.33 -14.57 -7.45
C CYS A 149 -0.60 -14.90 -5.98
N GLU A 150 0.10 -14.23 -5.07
CA GLU A 150 -0.05 -14.51 -3.65
C GLU A 150 0.05 -13.27 -2.79
N VAL A 151 -0.78 -13.20 -1.76
CA VAL A 151 -0.72 -12.09 -0.80
C VAL A 151 0.23 -12.63 0.26
N VAL A 152 1.33 -11.92 0.46
CA VAL A 152 2.37 -12.35 1.38
C VAL A 152 2.51 -11.50 2.64
N GLY A 153 1.64 -10.51 2.80
CA GLY A 153 1.72 -9.67 3.97
C GLY A 153 0.84 -8.45 3.86
N GLY A 154 1.01 -7.53 4.81
CA GLY A 154 0.20 -6.33 4.80
C GLY A 154 0.30 -5.55 6.08
N ASN A 155 -0.78 -4.86 6.43
CA ASN A 155 -0.81 -4.04 7.62
C ASN A 155 -2.25 -3.84 8.08
N ILE A 156 -2.39 -3.47 9.36
CA ILE A 156 -3.68 -3.19 9.95
C ILE A 156 -3.58 -1.90 10.76
N SER A 157 -4.54 -1.00 10.54
CA SER A 157 -4.61 0.25 11.30
C SER A 157 -6.06 0.48 11.65
N LYS A 158 -6.30 1.12 12.79
CA LYS A 158 -7.66 1.40 13.19
C LYS A 158 -8.11 2.58 12.32
N SER A 159 -9.41 2.71 12.13
CA SER A 159 -9.97 3.79 11.30
C SER A 159 -11.44 4.01 11.59
N GLU A 160 -12.03 4.97 10.90
CA GLU A 160 -13.44 5.29 11.04
C GLU A 160 -14.20 4.67 9.87
N LYS A 161 -13.54 4.60 8.72
CA LYS A 161 -14.13 4.03 7.50
C LYS A 161 -13.23 2.89 7.03
N ILE A 162 -13.80 1.95 6.28
CA ILE A 162 -13.02 0.83 5.76
C ILE A 162 -12.13 1.31 4.61
N GLY A 163 -10.85 0.96 4.68
CA GLY A 163 -9.92 1.33 3.63
C GLY A 163 -9.10 0.11 3.26
N ILE A 164 -8.97 -0.12 1.96
CA ILE A 164 -8.23 -1.26 1.44
C ILE A 164 -7.19 -0.79 0.42
N SER A 165 -5.93 -0.87 0.80
CA SER A 165 -4.86 -0.43 -0.10
C SER A 165 -4.00 -1.63 -0.46
N VAL A 166 -4.01 -1.97 -1.74
CA VAL A 166 -3.26 -3.12 -2.23
C VAL A 166 -2.00 -2.69 -2.96
N PHE A 167 -0.93 -3.45 -2.76
CA PHE A 167 0.32 -3.18 -3.44
C PHE A 167 0.64 -4.48 -4.16
N LEU A 168 0.97 -4.37 -5.44
CA LEU A 168 1.26 -5.56 -6.24
C LEU A 168 2.55 -5.44 -7.02
N VAL A 169 3.29 -6.54 -7.04
CA VAL A 169 4.55 -6.64 -7.77
C VAL A 169 4.33 -7.66 -8.87
N GLY A 170 4.57 -7.25 -10.11
CA GLY A 170 4.43 -8.13 -11.25
C GLY A 170 5.78 -8.28 -11.94
N GLU A 171 5.82 -9.07 -13.01
CA GLU A 171 7.05 -9.32 -13.73
C GLU A 171 6.78 -9.37 -15.24
N THR A 172 7.73 -8.92 -16.05
CA THR A 172 7.56 -8.94 -17.49
C THR A 172 8.87 -8.96 -18.24
N GLU A 173 8.83 -9.59 -19.42
CA GLU A 173 9.99 -9.68 -20.30
C GLU A 173 10.00 -8.43 -21.16
N ARG A 174 8.82 -7.84 -21.34
CA ARG A 174 8.70 -6.63 -22.13
C ARG A 174 7.63 -5.69 -21.60
N PHE A 175 8.08 -4.57 -21.04
CA PHE A 175 7.19 -3.55 -20.50
C PHE A 175 6.57 -2.74 -21.63
N VAL A 176 5.25 -2.53 -21.55
CA VAL A 176 4.56 -1.73 -22.56
C VAL A 176 3.74 -0.69 -21.80
N GLY A 177 4.20 0.55 -21.85
CA GLY A 177 3.51 1.62 -21.15
C GLY A 177 2.66 2.48 -22.05
N ARG A 178 2.35 3.70 -21.58
CA ARG A 178 1.51 4.62 -22.31
C ARG A 178 2.24 5.42 -23.38
N ASP A 179 3.56 5.36 -23.37
CA ASP A 179 4.35 6.05 -24.38
C ASP A 179 4.77 4.98 -25.37
N GLY A 180 4.61 5.25 -26.65
CA GLY A 180 5.00 4.28 -27.65
C GLY A 180 4.03 4.16 -28.81
N ALA A 181 2.85 4.75 -28.70
CA ALA A 181 1.86 4.68 -29.77
C ALA A 181 2.48 5.26 -31.04
N ARG A 182 2.31 4.57 -32.16
CA ARG A 182 2.88 5.02 -33.42
C ARG A 182 1.84 5.52 -34.40
N LEU A 183 2.27 6.45 -35.25
CA LEU A 183 1.40 7.00 -36.27
C LEU A 183 0.89 5.87 -37.15
N GLY A 184 -0.42 5.85 -37.41
CA GLY A 184 -0.98 4.81 -38.24
C GLY A 184 -1.53 3.65 -37.43
N ASP A 185 -1.15 3.59 -36.16
CA ASP A 185 -1.62 2.51 -35.28
C ASP A 185 -3.13 2.53 -35.17
N SER A 186 -3.72 1.35 -35.02
CA SER A 186 -5.15 1.24 -34.80
C SER A 186 -5.27 1.27 -33.28
N VAL A 187 -6.40 1.77 -32.78
CA VAL A 187 -6.64 1.84 -31.35
C VAL A 187 -7.67 0.77 -31.03
N PHE A 188 -7.36 -0.08 -30.05
CA PHE A 188 -8.25 -1.18 -29.66
C PHE A 188 -8.64 -1.17 -28.20
N VAL A 189 -9.70 -1.88 -27.90
CA VAL A 189 -10.17 -2.07 -26.52
C VAL A 189 -10.59 -3.53 -26.43
N SER A 190 -10.63 -4.05 -25.21
CA SER A 190 -11.05 -5.42 -24.98
C SER A 190 -12.46 -5.39 -24.41
N GLY A 191 -13.17 -6.51 -24.51
CA GLY A 191 -14.52 -6.60 -23.98
C GLY A 191 -15.51 -5.54 -24.40
N THR A 192 -16.37 -5.14 -23.47
CA THR A 192 -17.38 -4.10 -23.74
C THR A 192 -17.22 -2.95 -22.74
N LEU A 193 -17.70 -1.78 -23.12
CA LEU A 193 -17.57 -0.59 -22.28
C LEU A 193 -18.89 -0.01 -21.79
N GLY A 194 -18.88 0.48 -20.55
CA GLY A 194 -20.07 1.08 -19.97
C GLY A 194 -20.83 0.22 -18.98
N ASP A 195 -20.55 -1.06 -18.97
CA ASP A 195 -21.23 -2.01 -18.09
C ASP A 195 -21.13 -1.70 -16.60
N SER A 196 -19.91 -1.41 -16.15
CA SER A 196 -19.70 -1.14 -14.73
C SER A 196 -20.50 0.05 -14.22
N ARG A 197 -20.55 1.12 -15.02
CA ARG A 197 -21.29 2.31 -14.62
C ARG A 197 -22.76 1.97 -14.44
N ALA A 198 -23.30 1.17 -15.36
CA ALA A 198 -24.70 0.78 -15.28
C ALA A 198 -24.92 -0.07 -14.03
N GLY A 199 -23.96 -0.94 -13.73
CA GLY A 199 -24.06 -1.79 -12.55
C GLY A 199 -24.13 -0.96 -11.28
N LEU A 200 -23.29 0.07 -11.20
CA LEU A 200 -23.27 0.94 -10.03
C LEU A 200 -24.60 1.67 -9.89
N GLU A 201 -25.11 2.18 -11.02
CA GLU A 201 -26.38 2.88 -11.00
C GLU A 201 -27.51 1.96 -10.54
N LEU A 202 -27.46 0.69 -10.95
CA LEU A 202 -28.47 -0.27 -10.55
C LEU A 202 -28.41 -0.48 -9.04
N LEU A 203 -27.20 -0.60 -8.51
CA LEU A 203 -27.02 -0.79 -7.08
C LEU A 203 -27.57 0.40 -6.29
N LEU A 204 -27.30 1.60 -6.79
CA LEU A 204 -27.75 2.82 -6.12
C LEU A 204 -29.27 2.91 -6.08
N MET A 205 -29.93 2.19 -6.98
CA MET A 205 -31.40 2.19 -7.02
C MET A 205 -31.95 1.47 -5.80
N GLU A 206 -31.12 0.64 -5.18
CA GLU A 206 -31.49 -0.12 -4.00
C GLU A 206 -32.84 -0.81 -4.18
N LYS A 207 -32.98 -1.56 -5.26
CA LYS A 207 -34.22 -2.27 -5.55
C LYS A 207 -34.27 -3.61 -4.82
N GLU A 208 -35.49 -4.08 -4.56
CA GLU A 208 -35.70 -5.35 -3.88
C GLU A 208 -35.01 -6.47 -4.64
N GLU A 209 -35.17 -6.47 -5.95
CA GLU A 209 -34.57 -7.47 -6.81
C GLU A 209 -34.44 -6.95 -8.24
N TYR A 210 -33.48 -7.47 -8.98
CA TYR A 210 -33.25 -7.03 -10.34
C TYR A 210 -33.44 -8.16 -11.35
N GLU A 211 -33.54 -7.79 -12.63
CA GLU A 211 -33.70 -8.77 -13.70
C GLU A 211 -32.31 -9.37 -13.93
N PRO A 212 -32.26 -10.53 -14.58
CA PRO A 212 -30.97 -11.18 -14.85
C PRO A 212 -29.92 -10.27 -15.50
N PHE A 213 -30.32 -9.55 -16.54
CA PHE A 213 -29.37 -8.68 -17.21
C PHE A 213 -28.86 -7.58 -16.29
N GLU A 214 -29.68 -7.17 -15.33
CA GLU A 214 -29.28 -6.13 -14.40
C GLU A 214 -28.26 -6.71 -13.43
N LEU A 215 -28.47 -7.96 -13.01
CA LEU A 215 -27.53 -8.61 -12.10
C LEU A 215 -26.20 -8.83 -12.82
N ALA A 216 -26.26 -9.04 -14.12
CA ALA A 216 -25.03 -9.25 -14.90
C ALA A 216 -24.21 -7.96 -14.86
N LEU A 217 -24.89 -6.82 -14.98
CA LEU A 217 -24.21 -5.53 -14.95
C LEU A 217 -23.65 -5.26 -13.55
N ILE A 218 -24.43 -5.62 -12.53
CA ILE A 218 -23.99 -5.43 -11.16
C ILE A 218 -22.74 -6.28 -10.92
N GLN A 219 -22.73 -7.49 -11.49
CA GLN A 219 -21.57 -8.37 -11.34
C GLN A 219 -20.33 -7.76 -11.97
N ARG A 220 -20.49 -7.10 -13.11
CA ARG A 220 -19.35 -6.47 -13.77
C ARG A 220 -18.84 -5.29 -12.96
N HIS A 221 -19.69 -4.69 -12.15
CA HIS A 221 -19.23 -3.58 -11.33
C HIS A 221 -18.57 -4.06 -10.05
N LEU A 222 -19.21 -5.03 -9.39
CA LEU A 222 -18.70 -5.56 -8.13
C LEU A 222 -17.53 -6.52 -8.25
N ARG A 223 -17.51 -7.32 -9.30
CA ARG A 223 -16.44 -8.31 -9.48
C ARG A 223 -15.81 -8.26 -10.85
N PRO A 224 -15.09 -7.17 -11.14
CA PRO A 224 -14.44 -7.06 -12.45
C PRO A 224 -13.34 -8.11 -12.57
N THR A 225 -13.03 -8.49 -13.80
CA THR A 225 -11.99 -9.48 -14.05
C THR A 225 -10.87 -8.83 -14.87
N ALA A 226 -9.66 -8.80 -14.32
CA ALA A 226 -8.53 -8.21 -15.03
C ALA A 226 -8.28 -9.05 -16.29
N ARG A 227 -7.94 -8.37 -17.39
CA ARG A 227 -7.72 -9.07 -18.66
C ARG A 227 -6.34 -9.70 -18.80
N ILE A 228 -6.04 -10.61 -17.89
CA ILE A 228 -4.77 -11.32 -17.88
C ILE A 228 -4.64 -12.18 -19.13
N ASP A 229 -5.77 -12.43 -19.80
CA ASP A 229 -5.75 -13.23 -21.02
C ASP A 229 -5.16 -12.45 -22.20
N TYR A 230 -4.87 -11.17 -21.99
CA TYR A 230 -4.28 -10.32 -23.03
C TYR A 230 -2.78 -10.08 -22.86
N VAL A 231 -2.20 -10.56 -21.77
CA VAL A 231 -0.78 -10.32 -21.51
C VAL A 231 0.18 -10.65 -22.66
N LYS A 232 0.07 -11.86 -23.20
CA LYS A 232 0.93 -12.29 -24.30
C LYS A 232 0.77 -11.36 -25.51
N HIS A 233 -0.46 -11.02 -25.83
CA HIS A 233 -0.76 -10.15 -26.95
C HIS A 233 -0.08 -8.80 -26.77
N ILE A 234 -0.25 -8.21 -25.58
CA ILE A 234 0.35 -6.92 -25.29
C ILE A 234 1.87 -6.99 -25.39
N GLN A 235 2.45 -8.02 -24.80
CA GLN A 235 3.90 -8.20 -24.83
C GLN A 235 4.45 -8.36 -26.24
N LYS A 236 3.78 -9.17 -27.05
CA LYS A 236 4.22 -9.41 -28.42
C LYS A 236 3.97 -8.32 -29.43
N TYR A 237 2.79 -7.70 -29.41
CA TYR A 237 2.43 -6.74 -30.42
C TYR A 237 2.02 -5.30 -30.09
N ALA A 238 1.75 -5.00 -28.82
CA ALA A 238 1.34 -3.64 -28.49
C ALA A 238 2.47 -2.62 -28.48
N ASN A 239 2.19 -1.43 -29.01
CA ASN A 239 3.16 -0.35 -29.01
C ASN A 239 2.94 0.49 -27.75
N ALA A 240 1.69 0.58 -27.32
CA ALA A 240 1.31 1.33 -26.12
C ALA A 240 0.10 0.63 -25.53
N SER A 241 -0.04 0.67 -24.21
CA SER A 241 -1.16 0.00 -23.57
C SER A 241 -1.42 0.51 -22.16
N MET A 242 -2.67 0.36 -21.72
CA MET A 242 -3.10 0.78 -20.38
C MET A 242 -4.49 0.19 -20.17
N ASP A 243 -5.03 0.31 -18.96
CA ASP A 243 -6.38 -0.19 -18.72
C ASP A 243 -7.28 1.02 -18.56
N ILE A 244 -8.58 0.80 -18.74
CA ILE A 244 -9.56 1.87 -18.62
C ILE A 244 -10.26 1.74 -17.27
N SER A 245 -9.96 2.67 -16.37
CA SER A 245 -10.55 2.64 -15.04
C SER A 245 -11.41 3.87 -14.75
N ASP A 246 -11.10 4.99 -15.40
CA ASP A 246 -11.87 6.22 -15.17
C ASP A 246 -12.88 6.52 -16.26
N GLY A 247 -12.62 5.98 -17.46
CA GLY A 247 -13.52 6.22 -18.58
C GLY A 247 -12.68 6.26 -19.84
N LEU A 248 -13.22 5.75 -20.94
CA LEU A 248 -12.50 5.70 -22.20
C LEU A 248 -11.86 7.01 -22.67
N VAL A 249 -12.67 8.05 -22.78
CA VAL A 249 -12.14 9.33 -23.25
C VAL A 249 -11.07 9.92 -22.33
N ALA A 250 -11.32 9.87 -21.02
CA ALA A 250 -10.37 10.41 -20.06
C ALA A 250 -9.06 9.64 -20.06
N ASP A 251 -9.15 8.31 -20.15
CA ASP A 251 -7.93 7.50 -20.15
C ASP A 251 -7.22 7.56 -21.50
N ALA A 252 -7.99 7.68 -22.58
CA ALA A 252 -7.38 7.78 -23.90
C ALA A 252 -6.56 9.07 -23.93
N ASN A 253 -7.01 10.07 -23.19
CA ASN A 253 -6.31 11.36 -23.14
C ASN A 253 -4.94 11.20 -22.50
N HIS A 254 -4.85 10.34 -21.48
CA HIS A 254 -3.56 10.10 -20.84
C HIS A 254 -2.63 9.43 -21.84
N LEU A 255 -3.17 8.47 -22.59
CA LEU A 255 -2.40 7.76 -23.60
C LEU A 255 -1.92 8.71 -24.69
N ALA A 256 -2.83 9.53 -25.19
CA ALA A 256 -2.50 10.48 -26.24
C ALA A 256 -1.39 11.44 -25.82
N GLN A 257 -1.50 11.98 -24.60
CA GLN A 257 -0.49 12.90 -24.12
C GLN A 257 0.87 12.27 -23.85
N ARG A 258 0.89 11.08 -23.28
CA ARG A 258 2.16 10.43 -22.98
C ARG A 258 2.88 9.96 -24.25
N SER A 259 2.09 9.61 -25.28
CA SER A 259 2.67 9.17 -26.54
C SER A 259 2.90 10.36 -27.47
N GLY A 260 2.30 11.49 -27.12
CA GLY A 260 2.45 12.69 -27.93
C GLY A 260 1.79 12.56 -29.29
N VAL A 261 0.58 12.01 -29.29
CA VAL A 261 -0.17 11.81 -30.53
C VAL A 261 -1.63 12.22 -30.36
N LYS A 262 -2.39 12.14 -31.45
CA LYS A 262 -3.80 12.44 -31.42
C LYS A 262 -4.56 11.13 -31.61
N ILE A 263 -5.60 10.94 -30.83
CA ILE A 263 -6.40 9.73 -30.94
C ILE A 263 -7.79 10.04 -31.47
N GLU A 264 -8.13 9.44 -32.61
CA GLU A 264 -9.43 9.64 -33.23
C GLU A 264 -10.27 8.39 -33.03
N ILE A 265 -11.36 8.54 -32.29
CA ILE A 265 -12.26 7.44 -31.99
C ILE A 265 -13.59 7.61 -32.73
N LEU A 266 -14.18 6.49 -33.13
CA LEU A 266 -15.46 6.49 -33.82
C LEU A 266 -16.47 5.82 -32.89
N SER A 267 -17.44 6.58 -32.41
CA SER A 267 -18.44 6.06 -31.49
C SER A 267 -19.18 4.81 -31.98
N GLU A 268 -19.41 4.73 -33.29
CA GLU A 268 -20.12 3.57 -33.85
C GLU A 268 -19.35 2.26 -33.70
N LYS A 269 -18.05 2.34 -33.44
CA LYS A 269 -17.22 1.14 -33.29
C LYS A 269 -17.10 0.66 -31.84
N LEU A 270 -17.53 1.48 -30.89
CA LEU A 270 -17.45 1.10 -29.48
C LEU A 270 -18.23 -0.17 -29.20
N PRO A 271 -17.61 -1.17 -28.56
CA PRO A 271 -18.28 -2.43 -28.25
C PRO A 271 -19.24 -2.33 -27.06
N LEU A 272 -20.50 -2.64 -27.34
CA LEU A 272 -21.57 -2.58 -26.34
C LEU A 272 -22.13 -3.96 -26.05
N SER A 273 -22.38 -4.26 -24.77
CA SER A 273 -22.92 -5.55 -24.40
C SER A 273 -24.43 -5.53 -24.54
N ASN A 274 -25.02 -6.71 -24.71
CA ASN A 274 -26.46 -6.81 -24.85
C ASN A 274 -27.10 -6.30 -23.56
N GLU A 275 -26.47 -6.61 -22.43
CA GLU A 275 -27.00 -6.17 -21.14
C GLU A 275 -27.03 -4.64 -21.00
N LEU A 276 -25.96 -3.97 -21.42
CA LEU A 276 -25.93 -2.52 -21.35
C LEU A 276 -27.00 -1.92 -22.25
N LYS A 277 -27.20 -2.51 -23.42
CA LYS A 277 -28.21 -2.01 -24.33
C LYS A 277 -29.60 -2.22 -23.73
N MET A 278 -29.80 -3.36 -23.08
CA MET A 278 -31.07 -3.66 -22.45
C MET A 278 -31.32 -2.64 -21.34
N TYR A 279 -30.27 -2.32 -20.60
CA TYR A 279 -30.37 -1.35 -19.52
C TYR A 279 -30.74 0.03 -20.03
N CYS A 280 -30.06 0.48 -21.07
CA CYS A 280 -30.32 1.80 -21.63
C CYS A 280 -31.70 1.88 -22.28
N GLU A 281 -32.19 0.74 -22.78
CA GLU A 281 -33.51 0.70 -23.40
C GLU A 281 -34.56 0.85 -22.31
N LYS A 282 -34.36 0.14 -21.20
CA LYS A 282 -35.28 0.15 -20.08
C LYS A 282 -35.33 1.47 -19.32
N TYR A 283 -34.16 2.09 -19.08
CA TYR A 283 -34.12 3.34 -18.34
C TYR A 283 -33.95 4.59 -19.18
N GLY A 284 -34.13 4.46 -20.49
CA GLY A 284 -34.02 5.59 -21.39
C GLY A 284 -32.70 6.34 -21.35
N LYS A 285 -31.61 5.63 -21.61
CA LYS A 285 -30.29 6.23 -21.61
C LYS A 285 -29.55 5.91 -22.91
N ASN A 286 -28.46 6.62 -23.16
CA ASN A 286 -27.66 6.40 -24.36
C ASN A 286 -26.45 5.55 -24.05
N PRO A 287 -26.38 4.34 -24.63
CA PRO A 287 -25.25 3.44 -24.38
C PRO A 287 -23.89 4.04 -24.74
N ILE A 288 -23.85 4.87 -25.77
CA ILE A 288 -22.61 5.50 -26.19
C ILE A 288 -22.04 6.40 -25.09
N GLU A 289 -22.94 7.00 -24.31
CA GLU A 289 -22.53 7.86 -23.21
C GLU A 289 -21.81 7.04 -22.17
N TYR A 290 -22.32 5.83 -21.92
CA TYR A 290 -21.73 4.93 -20.94
C TYR A 290 -20.39 4.38 -21.45
N ALA A 291 -20.33 4.06 -22.73
CA ALA A 291 -19.11 3.50 -23.31
C ALA A 291 -17.98 4.54 -23.30
N LEU A 292 -18.34 5.81 -23.49
CA LEU A 292 -17.36 6.88 -23.52
C LEU A 292 -16.94 7.42 -22.16
N PHE A 293 -17.88 7.50 -21.21
CA PHE A 293 -17.56 8.06 -19.92
C PHE A 293 -17.72 7.16 -18.70
N GLY A 294 -18.18 5.93 -18.90
CA GLY A 294 -18.34 5.02 -17.80
C GLY A 294 -17.00 4.51 -17.30
N GLY A 295 -16.84 4.38 -15.99
CA GLY A 295 -15.58 3.91 -15.45
C GLY A 295 -15.64 2.54 -14.81
N GLU A 296 -14.49 2.09 -14.30
CA GLU A 296 -14.38 0.80 -13.65
C GLU A 296 -14.72 -0.46 -14.44
N ASP A 297 -14.54 -0.41 -15.76
CA ASP A 297 -14.80 -1.59 -16.58
C ASP A 297 -13.54 -2.45 -16.58
N TYR A 298 -12.40 -1.80 -16.39
CA TYR A 298 -11.10 -2.47 -16.38
C TYR A 298 -10.85 -3.30 -17.61
N GLN A 299 -11.13 -2.70 -18.76
CA GLN A 299 -10.86 -3.33 -20.04
C GLN A 299 -9.56 -2.65 -20.45
N LEU A 300 -8.95 -3.11 -21.53
CA LEU A 300 -7.70 -2.53 -21.99
C LEU A 300 -7.87 -1.58 -23.17
N LEU A 301 -6.94 -0.65 -23.27
CA LEU A 301 -6.89 0.33 -24.35
C LEU A 301 -5.45 0.25 -24.83
N PHE A 302 -5.24 -0.18 -26.08
CA PHE A 302 -3.90 -0.31 -26.61
C PHE A 302 -3.82 -0.01 -28.10
N THR A 303 -2.60 0.16 -28.60
CA THR A 303 -2.43 0.47 -30.01
C THR A 303 -1.35 -0.35 -30.69
N HIS A 304 -1.55 -0.56 -32.00
CA HIS A 304 -0.61 -1.29 -32.84
C HIS A 304 -1.20 -1.41 -34.24
N PRO A 305 -0.37 -1.75 -35.23
CA PRO A 305 -0.88 -1.88 -36.59
C PRO A 305 -2.09 -2.81 -36.61
N LYS A 306 -3.08 -2.47 -37.43
CA LYS A 306 -4.31 -3.27 -37.52
C LYS A 306 -4.07 -4.74 -37.82
N GLU A 307 -3.03 -5.04 -38.60
CA GLU A 307 -2.72 -6.42 -38.97
C GLU A 307 -2.43 -7.36 -37.80
N ARG A 308 -2.13 -6.82 -36.63
CA ARG A 308 -1.83 -7.65 -35.46
C ARG A 308 -3.08 -8.04 -34.66
N TRP A 309 -4.25 -7.63 -35.17
CA TRP A 309 -5.53 -7.96 -34.55
C TRP A 309 -5.58 -9.47 -34.36
N ASN A 310 -5.87 -9.92 -33.15
CA ASN A 310 -5.94 -11.34 -32.83
C ASN A 310 -7.39 -11.82 -33.00
N PRO A 311 -7.64 -12.84 -33.84
CA PRO A 311 -9.00 -13.32 -34.05
C PRO A 311 -9.56 -14.18 -32.90
N PHE A 312 -8.73 -14.47 -31.91
CA PHE A 312 -9.14 -15.30 -30.77
C PHE A 312 -9.45 -14.50 -29.51
N LEU A 313 -9.18 -13.20 -29.52
CA LEU A 313 -9.45 -12.35 -28.36
C LEU A 313 -10.61 -11.41 -28.67
N ASP A 314 -11.38 -11.05 -27.65
CA ASP A 314 -12.52 -10.17 -27.84
C ASP A 314 -12.11 -8.70 -27.96
N MET A 315 -11.21 -8.41 -28.90
CA MET A 315 -10.74 -7.05 -29.09
C MET A 315 -11.45 -6.36 -30.25
N THR A 316 -11.67 -5.06 -30.09
CA THR A 316 -12.37 -4.25 -31.08
C THR A 316 -11.61 -2.99 -31.46
N GLU A 317 -11.48 -2.74 -32.76
CA GLU A 317 -10.82 -1.54 -33.24
C GLU A 317 -11.82 -0.40 -33.06
N ILE A 318 -11.43 0.65 -32.35
CA ILE A 318 -12.32 1.78 -32.12
C ILE A 318 -11.80 3.09 -32.67
N GLY A 319 -10.57 3.09 -33.18
CA GLY A 319 -10.01 4.31 -33.71
C GLY A 319 -8.61 4.15 -34.27
N ARG A 320 -7.92 5.28 -34.43
CA ARG A 320 -6.59 5.27 -34.98
C ARG A 320 -5.71 6.35 -34.35
N VAL A 321 -4.40 6.16 -34.47
CA VAL A 321 -3.43 7.10 -33.93
C VAL A 321 -2.84 7.93 -35.07
N GLU A 322 -2.80 9.23 -34.91
CA GLU A 322 -2.22 10.10 -35.93
C GLU A 322 -1.46 11.24 -35.28
N GLU A 323 -0.66 11.95 -36.07
CA GLU A 323 0.13 13.06 -35.54
C GLU A 323 -0.76 14.18 -35.01
N GLY A 324 -0.28 14.84 -33.96
CA GLY A 324 -1.04 15.93 -33.37
C GLY A 324 -1.28 15.70 -31.90
N GLU A 325 -2.36 16.28 -31.37
CA GLU A 325 -2.69 16.14 -29.97
C GLU A 325 -4.20 16.11 -29.75
N GLY A 326 -4.61 15.64 -28.58
CA GLY A 326 -6.02 15.58 -28.24
C GLY A 326 -6.72 14.28 -28.58
N VAL A 327 -7.92 14.13 -28.05
CA VAL A 327 -8.74 12.95 -28.28
C VAL A 327 -10.03 13.38 -28.96
N PHE A 328 -10.31 12.80 -30.11
CA PHE A 328 -11.50 13.15 -30.86
C PHE A 328 -12.47 11.98 -30.97
N VAL A 329 -13.76 12.30 -30.95
CA VAL A 329 -14.82 11.31 -31.07
C VAL A 329 -15.69 11.75 -32.24
N ASP A 330 -15.69 10.96 -33.31
CA ASP A 330 -16.45 11.27 -34.50
C ASP A 330 -16.03 12.63 -35.07
N GLY A 331 -14.73 12.88 -35.06
CA GLY A 331 -14.20 14.14 -35.58
C GLY A 331 -14.37 15.35 -34.67
N LYS A 332 -15.01 15.15 -33.52
CA LYS A 332 -15.24 16.24 -32.58
C LYS A 332 -14.36 16.09 -31.34
N LYS A 333 -13.63 17.14 -31.00
CA LYS A 333 -12.76 17.14 -29.84
C LYS A 333 -13.62 17.18 -28.57
N VAL A 334 -13.94 16.02 -28.03
CA VAL A 334 -14.75 15.93 -26.83
C VAL A 334 -13.94 16.23 -25.58
N GLU A 335 -14.53 16.97 -24.66
CA GLU A 335 -13.85 17.33 -23.41
C GLU A 335 -13.67 16.10 -22.53
N PRO A 336 -12.42 15.77 -22.19
CA PRO A 336 -12.10 14.62 -21.34
C PRO A 336 -12.75 14.71 -19.96
N LYS A 337 -13.70 13.81 -19.69
CA LYS A 337 -14.38 13.79 -18.40
C LYS A 337 -13.74 12.71 -17.52
N GLY A 338 -14.44 11.61 -17.33
CA GLY A 338 -13.91 10.53 -16.52
C GLY A 338 -13.90 10.83 -15.03
N TRP A 339 -13.76 9.77 -14.23
CA TRP A 339 -13.75 9.93 -12.79
C TRP A 339 -12.55 10.72 -12.28
N LYS A 340 -12.82 11.60 -11.33
CA LYS A 340 -11.81 12.43 -10.71
C LYS A 340 -12.06 12.38 -9.20
N HIS A 341 -11.01 12.20 -8.42
CA HIS A 341 -11.17 12.17 -6.98
C HIS A 341 -11.38 13.58 -6.50
N PHE A 342 -10.82 14.53 -7.23
CA PHE A 342 -10.93 15.95 -6.93
C PHE A 342 -10.17 16.77 -7.98
N PHE B 31 -32.15 -8.42 14.30
CA PHE B 31 -31.15 -8.81 15.34
C PHE B 31 -29.99 -9.58 14.71
N GLN B 32 -29.63 -9.22 13.48
CA GLN B 32 -28.54 -9.89 12.79
C GLN B 32 -27.17 -9.70 13.44
N GLY B 33 -26.91 -8.51 13.97
CA GLY B 33 -25.63 -8.25 14.59
C GLY B 33 -25.63 -8.21 16.11
N SER B 34 -26.64 -8.82 16.71
CA SER B 34 -26.76 -8.83 18.17
C SER B 34 -25.59 -9.47 18.91
N PHE B 35 -25.10 -10.60 18.43
CA PHE B 35 -24.02 -11.30 19.11
C PHE B 35 -22.75 -11.56 18.29
N THR B 36 -22.69 -11.01 17.09
CA THR B 36 -21.52 -11.23 16.23
C THR B 36 -20.25 -10.61 16.80
N MET B 37 -19.13 -11.32 16.61
CA MET B 37 -17.84 -10.85 17.11
C MET B 37 -17.26 -9.74 16.23
N ARG B 38 -16.82 -8.65 16.87
CA ARG B 38 -16.23 -7.53 16.14
C ARG B 38 -14.73 -7.47 16.38
N LEU B 39 -14.03 -6.68 15.57
CA LEU B 39 -12.58 -6.54 15.69
C LEU B 39 -12.14 -6.16 17.10
N LYS B 40 -12.88 -5.28 17.74
CA LYS B 40 -12.56 -4.83 19.10
C LYS B 40 -12.45 -5.98 20.09
N GLU B 41 -13.21 -7.05 19.85
CA GLU B 41 -13.22 -8.21 20.72
C GLU B 41 -12.09 -9.21 20.43
N LEU B 42 -11.78 -9.38 19.15
CA LEU B 42 -10.73 -10.31 18.75
C LEU B 42 -9.33 -9.76 18.95
N GLY B 43 -9.14 -8.49 18.58
CA GLY B 43 -7.84 -7.89 18.72
C GLY B 43 -7.12 -7.94 17.39
N GLU B 44 -6.19 -7.03 17.17
CA GLU B 44 -5.46 -6.98 15.91
C GLU B 44 -4.64 -8.23 15.59
N PHE B 45 -3.93 -8.76 16.59
CA PHE B 45 -3.12 -9.94 16.31
C PHE B 45 -3.93 -11.20 16.13
N GLY B 46 -5.08 -11.29 16.79
CA GLY B 46 -5.94 -12.44 16.62
C GLY B 46 -6.49 -12.38 15.20
N LEU B 47 -6.72 -11.16 14.72
CA LEU B 47 -7.25 -10.94 13.38
C LEU B 47 -6.19 -11.38 12.36
N ILE B 48 -4.94 -10.98 12.58
CA ILE B 48 -3.87 -11.35 11.67
C ILE B 48 -3.76 -12.87 11.62
N ASP B 49 -3.92 -13.53 12.76
CA ASP B 49 -3.85 -14.99 12.81
C ASP B 49 -4.93 -15.57 11.88
N LEU B 50 -6.12 -14.99 11.91
CA LEU B 50 -7.23 -15.44 11.08
C LEU B 50 -6.91 -15.21 9.61
N ILE B 51 -6.34 -14.05 9.32
CA ILE B 51 -5.97 -13.71 7.95
C ILE B 51 -4.95 -14.71 7.42
N LYS B 52 -3.93 -14.98 8.23
CA LYS B 52 -2.89 -15.92 7.85
C LYS B 52 -3.49 -17.29 7.55
N LYS B 53 -4.35 -17.76 8.45
CA LYS B 53 -5.01 -19.05 8.28
C LYS B 53 -5.88 -19.07 7.03
N THR B 54 -6.62 -18.00 6.80
CA THR B 54 -7.49 -17.91 5.63
C THR B 54 -6.70 -17.99 4.34
N LEU B 55 -5.55 -17.32 4.30
CA LEU B 55 -4.69 -17.32 3.12
C LEU B 55 -3.81 -18.56 3.05
N GLU B 56 -3.83 -19.35 4.12
CA GLU B 56 -2.99 -20.55 4.20
C GLU B 56 -1.54 -20.11 3.97
N SER B 57 -1.22 -18.93 4.49
CA SER B 57 0.10 -18.36 4.33
C SER B 57 1.13 -18.95 5.30
N LYS B 58 2.35 -19.10 4.80
CA LYS B 58 3.44 -19.62 5.61
C LYS B 58 4.47 -18.53 5.83
N VAL B 59 4.42 -17.49 5.00
CA VAL B 59 5.37 -16.39 5.08
C VAL B 59 5.00 -15.27 6.05
N ILE B 60 3.71 -15.09 6.32
CA ILE B 60 3.27 -14.03 7.23
C ILE B 60 3.76 -14.27 8.65
N GLY B 61 4.18 -13.20 9.32
CA GLY B 61 4.67 -13.32 10.68
C GLY B 61 5.88 -12.47 11.03
N ASP B 62 6.60 -12.01 10.01
CA ASP B 62 7.79 -11.20 10.22
C ASP B 62 7.60 -9.76 9.77
N ASP B 63 8.59 -8.93 10.09
CA ASP B 63 8.57 -7.50 9.75
C ASP B 63 8.45 -7.26 8.26
N THR B 64 8.90 -8.23 7.48
CA THR B 64 8.83 -8.15 6.03
C THR B 64 8.45 -9.53 5.52
N ALA B 65 8.09 -9.60 4.24
CA ALA B 65 7.76 -10.86 3.61
C ALA B 65 8.93 -11.14 2.66
N PRO B 66 9.70 -12.20 2.95
CA PRO B 66 10.83 -12.54 2.08
C PRO B 66 10.37 -13.40 0.92
N VAL B 67 10.82 -13.05 -0.28
CA VAL B 67 10.46 -13.82 -1.46
C VAL B 67 11.71 -14.10 -2.28
N GLU B 68 11.90 -15.36 -2.65
CA GLU B 68 13.07 -15.74 -3.42
C GLU B 68 12.93 -15.27 -4.86
N TYR B 69 13.97 -14.58 -5.34
CA TYR B 69 13.96 -14.09 -6.71
C TYR B 69 15.38 -13.87 -7.20
N CYS B 70 15.84 -14.79 -8.04
CA CYS B 70 17.18 -14.73 -8.61
C CYS B 70 18.31 -14.88 -7.59
N SER B 71 18.32 -16.03 -6.91
CA SER B 71 19.34 -16.35 -5.92
C SER B 71 19.36 -15.45 -4.70
N LYS B 72 18.62 -14.34 -4.75
CA LYS B 72 18.56 -13.42 -3.63
C LYS B 72 17.13 -13.32 -3.12
N LYS B 73 16.93 -12.57 -2.04
CA LYS B 73 15.61 -12.41 -1.48
C LYS B 73 15.16 -10.96 -1.45
N LEU B 74 13.96 -10.71 -1.95
CA LEU B 74 13.39 -9.38 -1.94
C LEU B 74 12.52 -9.35 -0.70
N LEU B 75 12.50 -8.21 -0.01
CA LEU B 75 11.71 -8.07 1.20
C LEU B 75 10.58 -7.07 0.95
N LEU B 76 9.35 -7.50 1.20
CA LEU B 76 8.20 -6.63 0.98
C LEU B 76 7.51 -6.25 2.28
N THR B 77 7.22 -4.96 2.43
CA THR B 77 6.55 -4.50 3.63
C THR B 77 5.74 -3.24 3.40
N THR B 78 4.79 -3.00 4.31
CA THR B 78 3.95 -1.80 4.25
C THR B 78 3.52 -1.39 5.66
N ASP B 79 3.68 -0.10 5.93
CA ASP B 79 3.30 0.54 7.20
C ASP B 79 2.63 1.84 6.78
N VAL B 80 1.75 2.33 7.64
CA VAL B 80 0.98 3.52 7.33
C VAL B 80 0.99 4.58 8.43
N LEU B 81 0.61 5.79 8.05
CA LEU B 81 0.48 6.92 8.97
C LEU B 81 -0.90 7.52 8.68
N ASN B 82 -1.81 7.40 9.64
CA ASN B 82 -3.17 7.90 9.48
C ASN B 82 -3.41 9.09 10.40
N GLU B 83 -4.03 10.14 9.87
CA GLU B 83 -4.30 11.34 10.66
C GLU B 83 -5.12 11.01 11.90
N GLY B 84 -4.65 11.49 13.05
CA GLY B 84 -5.35 11.26 14.29
C GLY B 84 -4.93 9.96 14.97
N VAL B 85 -4.25 9.10 14.23
CA VAL B 85 -3.79 7.82 14.75
C VAL B 85 -2.27 7.84 14.96
N HIS B 86 -1.55 8.24 13.92
CA HIS B 86 -0.09 8.29 13.96
C HIS B 86 0.52 9.68 14.00
N PHE B 87 -0.27 10.68 13.63
CA PHE B 87 0.23 12.06 13.60
C PHE B 87 -0.95 13.02 13.57
N LEU B 88 -0.64 14.32 13.67
CA LEU B 88 -1.65 15.37 13.61
C LEU B 88 -1.30 16.29 12.45
N ARG B 89 -2.32 16.88 11.82
CA ARG B 89 -2.10 17.75 10.67
C ARG B 89 -1.26 18.99 11.01
N SER B 90 -1.19 19.33 12.29
CA SER B 90 -0.42 20.49 12.71
C SER B 90 1.09 20.29 12.61
N TYR B 91 1.53 19.04 12.55
CA TYR B 91 2.96 18.75 12.45
C TYR B 91 3.48 19.18 11.08
N ILE B 92 4.72 19.64 11.02
CA ILE B 92 5.29 20.06 9.74
C ILE B 92 5.23 18.84 8.81
N PRO B 93 4.67 19.02 7.61
CA PRO B 93 4.53 17.95 6.61
C PRO B 93 5.84 17.27 6.24
N GLU B 94 6.93 18.04 6.21
CA GLU B 94 8.23 17.48 5.86
C GLU B 94 8.63 16.35 6.79
N ALA B 95 8.33 16.50 8.09
CA ALA B 95 8.68 15.48 9.06
C ALA B 95 7.83 14.23 8.85
N VAL B 96 6.55 14.43 8.56
CA VAL B 96 5.64 13.31 8.32
C VAL B 96 6.12 12.52 7.10
N GLY B 97 6.60 13.22 6.08
CA GLY B 97 7.09 12.55 4.88
C GLY B 97 8.34 11.75 5.21
N TRP B 98 9.22 12.34 5.99
CA TRP B 98 10.44 11.66 6.40
C TRP B 98 10.06 10.40 7.20
N LYS B 99 9.14 10.55 8.14
CA LYS B 99 8.72 9.42 8.97
C LYS B 99 8.05 8.32 8.17
N ALA B 100 7.23 8.70 7.19
CA ALA B 100 6.53 7.72 6.36
C ALA B 100 7.53 6.75 5.72
N ILE B 101 8.62 7.29 5.19
CA ILE B 101 9.62 6.44 4.57
C ILE B 101 10.41 5.70 5.64
N SER B 102 10.80 6.41 6.70
CA SER B 102 11.60 5.82 7.77
C SER B 102 10.99 4.61 8.49
N VAL B 103 9.70 4.67 8.83
CA VAL B 103 9.12 3.53 9.52
C VAL B 103 9.09 2.29 8.63
N ASN B 104 9.01 2.49 7.31
CA ASN B 104 9.00 1.36 6.39
C ASN B 104 10.42 0.82 6.19
N VAL B 105 11.39 1.71 6.11
CA VAL B 105 12.77 1.28 5.98
C VAL B 105 13.11 0.46 7.23
N SER B 106 12.55 0.86 8.37
CA SER B 106 12.81 0.17 9.63
C SER B 106 12.46 -1.32 9.56
N ASP B 107 11.31 -1.66 8.99
CA ASP B 107 10.93 -3.07 8.88
C ASP B 107 11.93 -3.82 7.97
N VAL B 108 12.35 -3.18 6.88
CA VAL B 108 13.29 -3.79 5.96
C VAL B 108 14.67 -4.04 6.56
N ILE B 109 15.25 -3.02 7.20
CA ILE B 109 16.57 -3.21 7.79
C ILE B 109 16.50 -4.17 8.99
N ALA B 110 15.36 -4.22 9.65
CA ALA B 110 15.19 -5.11 10.81
C ALA B 110 15.34 -6.58 10.45
N ASN B 111 15.11 -6.93 9.18
CA ASN B 111 15.24 -8.32 8.77
C ASN B 111 16.47 -8.52 7.87
N GLY B 112 17.40 -7.59 7.97
CA GLY B 112 18.64 -7.70 7.21
C GLY B 112 18.69 -7.19 5.78
N GLY B 113 17.73 -6.38 5.37
CA GLY B 113 17.75 -5.89 4.00
C GLY B 113 18.00 -4.41 3.83
N LEU B 114 18.23 -4.01 2.59
CA LEU B 114 18.43 -2.61 2.22
C LEU B 114 17.23 -2.20 1.37
N PRO B 115 16.68 -1.00 1.63
CA PRO B 115 15.53 -0.49 0.88
C PRO B 115 15.87 -0.15 -0.57
N LYS B 116 14.94 -0.43 -1.48
CA LYS B 116 15.16 -0.15 -2.90
C LYS B 116 14.09 0.70 -3.56
N TRP B 117 12.86 0.18 -3.63
CA TRP B 117 11.78 0.90 -4.29
C TRP B 117 10.54 1.01 -3.41
N ALA B 118 9.91 2.18 -3.45
CA ALA B 118 8.72 2.42 -2.64
C ALA B 118 7.58 3.02 -3.45
N LEU B 119 6.37 2.79 -2.96
CA LEU B 119 5.15 3.34 -3.56
C LEU B 119 4.42 4.04 -2.41
N ILE B 120 3.71 5.13 -2.71
CA ILE B 120 2.96 5.83 -1.68
C ILE B 120 1.51 6.02 -2.10
N SER B 121 0.59 5.45 -1.32
CA SER B 121 -0.84 5.57 -1.59
C SER B 121 -1.39 6.59 -0.62
N LEU B 122 -1.94 7.68 -1.16
CA LEU B 122 -2.47 8.73 -0.33
C LEU B 122 -3.99 8.86 -0.33
N ASN B 123 -4.56 9.01 0.85
CA ASN B 123 -6.00 9.25 1.02
C ASN B 123 -5.98 10.73 1.40
N LEU B 124 -6.57 11.58 0.56
CA LEU B 124 -6.53 13.01 0.81
C LEU B 124 -7.87 13.76 0.78
N PRO B 125 -8.08 14.68 1.74
CA PRO B 125 -9.32 15.45 1.79
C PRO B 125 -9.21 16.49 0.66
N GLU B 126 -10.27 16.71 -0.10
CA GLU B 126 -10.18 17.67 -1.20
C GLU B 126 -9.92 19.12 -0.78
N ASP B 127 -10.12 19.43 0.49
CA ASP B 127 -9.89 20.78 0.98
C ASP B 127 -8.48 20.98 1.54
N LEU B 128 -7.66 19.93 1.48
CA LEU B 128 -6.31 20.02 1.98
C LEU B 128 -5.47 20.97 1.12
N GLU B 129 -4.56 21.69 1.75
CA GLU B 129 -3.71 22.63 1.02
C GLU B 129 -2.72 21.86 0.16
N VAL B 130 -2.53 22.32 -1.07
CA VAL B 130 -1.58 21.68 -1.99
C VAL B 130 -0.19 21.72 -1.35
N SER B 131 0.11 22.81 -0.64
CA SER B 131 1.42 22.95 -0.01
C SER B 131 1.73 21.83 0.98
N TYR B 132 0.69 21.29 1.61
CA TYR B 132 0.91 20.20 2.56
C TYR B 132 1.50 19.00 1.84
N VAL B 133 0.89 18.63 0.72
CA VAL B 133 1.36 17.50 -0.06
C VAL B 133 2.76 17.76 -0.62
N GLU B 134 3.01 18.99 -1.06
CA GLU B 134 4.33 19.30 -1.61
C GLU B 134 5.42 19.17 -0.54
N ARG B 135 5.18 19.75 0.64
CA ARG B 135 6.15 19.68 1.72
C ARG B 135 6.32 18.24 2.19
N PHE B 136 5.23 17.47 2.17
CA PHE B 136 5.29 16.06 2.54
C PHE B 136 6.29 15.34 1.63
N TYR B 137 6.18 15.57 0.32
CA TYR B 137 7.09 14.92 -0.61
C TYR B 137 8.53 15.43 -0.54
N ILE B 138 8.71 16.66 -0.06
CA ILE B 138 10.07 17.17 0.10
C ILE B 138 10.71 16.31 1.20
N GLY B 139 9.93 16.02 2.24
CA GLY B 139 10.43 15.18 3.32
C GLY B 139 10.68 13.76 2.83
N VAL B 140 9.78 13.26 1.98
CA VAL B 140 9.93 11.93 1.42
C VAL B 140 11.23 11.86 0.61
N LYS B 141 11.46 12.87 -0.22
CA LYS B 141 12.66 12.92 -1.04
C LYS B 141 13.92 12.91 -0.17
N ARG B 142 13.91 13.69 0.90
CA ARG B 142 15.05 13.74 1.81
C ARG B 142 15.34 12.36 2.39
N ALA B 143 14.30 11.66 2.82
CA ALA B 143 14.49 10.34 3.40
C ALA B 143 15.01 9.36 2.36
N CYS B 144 14.47 9.41 1.14
CA CYS B 144 14.91 8.51 0.09
C CYS B 144 16.38 8.73 -0.25
N GLU B 145 16.82 9.99 -0.25
CA GLU B 145 18.21 10.27 -0.55
C GLU B 145 19.12 9.77 0.56
N PHE B 146 18.61 9.81 1.79
CA PHE B 146 19.39 9.34 2.95
C PHE B 146 19.49 7.82 3.00
N TYR B 147 18.37 7.13 2.81
CA TYR B 147 18.36 5.67 2.87
C TYR B 147 18.74 5.01 1.55
N LYS B 148 18.92 5.82 0.52
CA LYS B 148 19.31 5.35 -0.80
C LYS B 148 18.24 4.52 -1.51
N CYS B 149 16.99 4.94 -1.41
CA CYS B 149 15.90 4.25 -2.08
C CYS B 149 15.15 5.28 -2.93
N GLU B 150 14.13 4.83 -3.65
CA GLU B 150 13.38 5.72 -4.52
C GLU B 150 11.88 5.44 -4.53
N VAL B 151 11.09 6.51 -4.54
CA VAL B 151 9.64 6.36 -4.64
C VAL B 151 9.37 6.38 -6.15
N VAL B 152 8.85 5.27 -6.66
CA VAL B 152 8.62 5.12 -8.09
C VAL B 152 7.17 5.21 -8.54
N GLY B 153 6.26 5.45 -7.60
CA GLY B 153 4.87 5.54 -7.95
C GLY B 153 3.97 5.56 -6.74
N GLY B 154 2.68 5.43 -6.98
CA GLY B 154 1.74 5.46 -5.87
C GLY B 154 0.31 5.59 -6.34
N ASN B 155 -0.51 6.20 -5.49
CA ASN B 155 -1.92 6.37 -5.79
C ASN B 155 -2.52 7.54 -5.02
N ILE B 156 -3.64 8.05 -5.52
CA ILE B 156 -4.36 9.14 -4.88
C ILE B 156 -5.84 8.78 -4.83
N SER B 157 -6.46 9.00 -3.69
CA SER B 157 -7.88 8.77 -3.49
C SER B 157 -8.41 9.88 -2.58
N LYS B 158 -9.64 10.28 -2.80
CA LYS B 158 -10.26 11.29 -1.96
C LYS B 158 -10.56 10.57 -0.64
N SER B 159 -10.71 11.34 0.43
CA SER B 159 -10.99 10.77 1.74
C SER B 159 -11.41 11.86 2.72
N GLU B 160 -11.86 11.44 3.90
CA GLU B 160 -12.29 12.38 4.93
C GLU B 160 -11.10 13.05 5.61
N LYS B 161 -10.04 12.27 5.84
CA LYS B 161 -8.84 12.80 6.46
C LYS B 161 -7.60 12.26 5.76
N ILE B 162 -6.43 12.66 6.22
CA ILE B 162 -5.18 12.23 5.60
C ILE B 162 -4.75 10.81 5.93
N GLY B 163 -4.45 10.04 4.90
CA GLY B 163 -4.00 8.67 5.08
C GLY B 163 -2.76 8.46 4.22
N ILE B 164 -1.70 7.92 4.81
CA ILE B 164 -0.46 7.68 4.08
C ILE B 164 -0.05 6.22 4.19
N SER B 165 -0.19 5.47 3.09
CA SER B 165 0.16 4.07 3.10
C SER B 165 1.36 3.84 2.19
N VAL B 166 2.48 3.46 2.77
CA VAL B 166 3.68 3.24 1.99
C VAL B 166 4.02 1.78 1.85
N PHE B 167 4.54 1.41 0.67
CA PHE B 167 4.94 0.06 0.36
C PHE B 167 6.41 0.12 0.00
N LEU B 168 7.19 -0.79 0.55
CA LEU B 168 8.62 -0.79 0.27
C LEU B 168 9.14 -2.17 -0.08
N VAL B 169 10.02 -2.19 -1.08
CA VAL B 169 10.67 -3.41 -1.53
C VAL B 169 12.15 -3.26 -1.20
N GLY B 170 12.69 -4.22 -0.46
CA GLY B 170 14.09 -4.20 -0.08
C GLY B 170 14.75 -5.47 -0.60
N GLU B 171 16.06 -5.60 -0.36
CA GLU B 171 16.80 -6.77 -0.82
C GLU B 171 17.80 -7.21 0.24
N THR B 172 18.03 -8.52 0.33
CA THR B 172 18.98 -9.05 1.31
C THR B 172 19.66 -10.33 0.85
N GLU B 173 20.85 -10.58 1.40
CA GLU B 173 21.62 -11.78 1.08
C GLU B 173 21.33 -12.84 2.12
N ARG B 174 20.85 -12.40 3.29
CA ARG B 174 20.51 -13.31 4.36
C ARG B 174 19.37 -12.75 5.21
N PHE B 175 18.18 -13.24 4.94
CA PHE B 175 16.98 -12.83 5.66
C PHE B 175 17.03 -13.28 7.11
N VAL B 176 16.76 -12.37 8.04
CA VAL B 176 16.73 -12.70 9.45
C VAL B 176 15.36 -12.26 9.97
N GLY B 177 14.51 -13.23 10.28
CA GLY B 177 13.18 -12.91 10.79
C GLY B 177 13.08 -13.06 12.29
N ARG B 178 11.86 -13.21 12.79
CA ARG B 178 11.60 -13.33 14.22
C ARG B 178 11.76 -14.75 14.74
N ASP B 179 11.93 -15.70 13.83
CA ASP B 179 12.11 -17.08 14.22
C ASP B 179 13.59 -17.39 13.99
N GLY B 180 14.25 -17.96 14.98
CA GLY B 180 15.65 -18.28 14.83
C GLY B 180 16.46 -18.04 16.10
N ALA B 181 15.84 -17.41 17.09
CA ALA B 181 16.52 -17.15 18.35
C ALA B 181 16.93 -18.50 18.93
N ARG B 182 18.19 -18.62 19.34
CA ARG B 182 18.70 -19.86 19.90
C ARG B 182 18.94 -19.73 21.39
N LEU B 183 18.81 -20.84 22.11
CA LEU B 183 19.03 -20.84 23.55
C LEU B 183 20.45 -20.37 23.83
N GLY B 184 20.62 -19.57 24.88
CA GLY B 184 21.94 -19.08 25.22
C GLY B 184 22.24 -17.73 24.61
N ASP B 185 21.51 -17.35 23.58
CA ASP B 185 21.75 -16.07 22.92
C ASP B 185 21.42 -14.91 23.85
N SER B 186 22.09 -13.79 23.63
CA SER B 186 21.84 -12.59 24.42
C SER B 186 20.86 -11.76 23.62
N VAL B 187 20.05 -10.97 24.33
CA VAL B 187 19.07 -10.11 23.68
C VAL B 187 19.61 -8.69 23.66
N PHE B 188 19.60 -8.07 22.48
CA PHE B 188 20.12 -6.71 22.33
C PHE B 188 19.11 -5.75 21.74
N VAL B 189 19.37 -4.47 21.94
CA VAL B 189 18.56 -3.39 21.37
C VAL B 189 19.56 -2.33 20.94
N SER B 190 19.14 -1.48 20.00
CA SER B 190 19.98 -0.39 19.53
C SER B 190 19.50 0.90 20.17
N GLY B 191 20.33 1.94 20.11
CA GLY B 191 19.98 3.24 20.66
C GLY B 191 19.45 3.25 22.08
N THR B 192 18.46 4.10 22.33
CA THR B 192 17.82 4.20 23.64
C THR B 192 16.33 3.98 23.49
N LEU B 193 15.67 3.60 24.57
CA LEU B 193 14.24 3.31 24.54
C LEU B 193 13.38 4.24 25.38
N GLY B 194 12.20 4.57 24.85
CA GLY B 194 11.28 5.43 25.58
C GLY B 194 11.19 6.87 25.10
N ASP B 195 12.19 7.30 24.32
CA ASP B 195 12.23 8.67 23.83
C ASP B 195 11.02 9.09 23.02
N SER B 196 10.62 8.25 22.08
CA SER B 196 9.49 8.57 21.20
C SER B 196 8.20 8.83 21.95
N ARG B 197 7.90 8.02 22.95
CA ARG B 197 6.68 8.21 23.74
C ARG B 197 6.71 9.58 24.41
N ALA B 198 7.87 9.96 24.93
CA ALA B 198 7.99 11.26 25.57
C ALA B 198 7.77 12.36 24.53
N GLY B 199 8.32 12.18 23.33
CA GLY B 199 8.15 13.16 22.27
C GLY B 199 6.70 13.30 21.88
N LEU B 200 5.98 12.18 21.83
CA LEU B 200 4.56 12.18 21.49
C LEU B 200 3.79 13.00 22.52
N GLU B 201 4.01 12.70 23.78
CA GLU B 201 3.34 13.41 24.87
C GLU B 201 3.63 14.90 24.82
N LEU B 202 4.88 15.26 24.50
CA LEU B 202 5.25 16.66 24.43
C LEU B 202 4.50 17.35 23.29
N LEU B 203 4.37 16.65 22.17
CA LEU B 203 3.65 17.21 21.03
C LEU B 203 2.18 17.42 21.36
N LEU B 204 1.59 16.46 22.07
CA LEU B 204 0.18 16.53 22.44
C LEU B 204 -0.10 17.65 23.46
N MET B 205 0.95 18.19 24.05
CA MET B 205 0.80 19.27 25.02
C MET B 205 0.55 20.59 24.30
N GLU B 206 0.83 20.61 23.00
CA GLU B 206 0.64 21.80 22.19
C GLU B 206 1.25 23.03 22.85
N LYS B 207 2.48 22.90 23.33
CA LYS B 207 3.16 24.00 24.00
C LYS B 207 3.63 25.06 23.02
N GLU B 208 3.67 26.30 23.47
CA GLU B 208 4.12 27.41 22.63
C GLU B 208 5.63 27.44 22.55
N GLU B 209 6.28 26.69 23.44
CA GLU B 209 7.74 26.63 23.46
C GLU B 209 8.25 25.35 24.14
N TYR B 210 9.28 24.76 23.53
CA TYR B 210 9.87 23.54 24.07
C TYR B 210 11.35 23.76 24.34
N GLU B 211 11.85 23.14 25.41
CA GLU B 211 13.25 23.25 25.77
C GLU B 211 14.07 22.36 24.84
N PRO B 212 15.40 22.56 24.81
CA PRO B 212 16.27 21.75 23.95
C PRO B 212 16.10 20.24 24.10
N PHE B 213 16.06 19.75 25.34
CA PHE B 213 15.92 18.31 25.56
C PHE B 213 14.56 17.82 25.08
N GLU B 214 13.55 18.68 25.17
CA GLU B 214 12.21 18.32 24.73
C GLU B 214 12.16 18.24 23.20
N LEU B 215 12.85 19.15 22.53
CA LEU B 215 12.89 19.13 21.08
C LEU B 215 13.59 17.87 20.58
N ALA B 216 14.58 17.40 21.33
CA ALA B 216 15.30 16.18 20.98
C ALA B 216 14.38 14.97 21.06
N LEU B 217 13.54 14.94 22.09
CA LEU B 217 12.61 13.83 22.26
C LEU B 217 11.56 13.89 21.16
N ILE B 218 11.12 15.10 20.82
CA ILE B 218 10.15 15.28 19.76
C ILE B 218 10.74 14.80 18.43
N GLN B 219 12.03 15.05 18.24
CA GLN B 219 12.72 14.62 17.01
C GLN B 219 12.67 13.10 16.92
N ARG B 220 12.90 12.42 18.04
CA ARG B 220 12.88 10.95 18.08
C ARG B 220 11.49 10.42 17.71
N HIS B 221 10.45 11.18 18.02
CA HIS B 221 9.10 10.74 17.71
C HIS B 221 8.65 11.09 16.30
N LEU B 222 8.85 12.35 15.92
CA LEU B 222 8.42 12.84 14.62
C LEU B 222 9.32 12.48 13.45
N ARG B 223 10.62 12.40 13.70
CA ARG B 223 11.56 12.06 12.63
C ARG B 223 12.53 10.96 13.04
N PRO B 224 12.00 9.75 13.26
CA PRO B 224 12.84 8.62 13.66
C PRO B 224 13.80 8.27 12.53
N THR B 225 14.98 7.78 12.88
CA THR B 225 15.96 7.37 11.88
C THR B 225 16.05 5.85 11.89
N ALA B 226 15.66 5.21 10.80
CA ALA B 226 15.73 3.75 10.71
C ALA B 226 17.19 3.38 10.91
N ARG B 227 17.43 2.28 11.63
CA ARG B 227 18.80 1.85 11.91
C ARG B 227 19.46 1.10 10.76
N ILE B 228 19.56 1.76 9.62
CA ILE B 228 20.16 1.17 8.44
C ILE B 228 21.65 0.91 8.70
N ASP B 229 22.21 1.56 9.70
CA ASP B 229 23.62 1.37 10.02
C ASP B 229 23.86 -0.01 10.63
N TYR B 230 22.78 -0.70 10.97
CA TYR B 230 22.83 -2.04 11.56
C TYR B 230 22.67 -3.19 10.58
N VAL B 231 22.27 -2.90 9.35
CA VAL B 231 22.02 -3.94 8.35
C VAL B 231 23.09 -5.02 8.22
N LYS B 232 24.33 -4.63 8.01
CA LYS B 232 25.40 -5.62 7.85
C LYS B 232 25.57 -6.52 9.07
N HIS B 233 25.48 -5.94 10.28
CA HIS B 233 25.62 -6.73 11.49
C HIS B 233 24.48 -7.72 11.64
N ILE B 234 23.26 -7.25 11.45
CA ILE B 234 22.07 -8.09 11.56
C ILE B 234 22.13 -9.21 10.53
N GLN B 235 22.39 -8.84 9.29
CA GLN B 235 22.46 -9.78 8.19
C GLN B 235 23.51 -10.87 8.41
N LYS B 236 24.62 -10.51 9.05
CA LYS B 236 25.69 -11.48 9.27
C LYS B 236 25.64 -12.27 10.57
N TYR B 237 25.24 -11.64 11.66
CA TYR B 237 25.24 -12.31 12.97
C TYR B 237 23.94 -12.54 13.74
N ALA B 238 22.87 -11.83 13.39
CA ALA B 238 21.62 -12.00 14.12
C ALA B 238 20.93 -13.33 13.86
N ASN B 239 20.44 -13.98 14.91
CA ASN B 239 19.74 -15.25 14.78
C ASN B 239 18.25 -14.94 14.61
N ALA B 240 17.83 -13.83 15.22
CA ALA B 240 16.46 -13.37 15.16
C ALA B 240 16.53 -11.85 15.27
N SER B 241 15.65 -11.16 14.56
CA SER B 241 15.67 -9.70 14.58
C SER B 241 14.34 -9.09 14.17
N MET B 242 14.07 -7.90 14.70
CA MET B 242 12.85 -7.15 14.39
C MET B 242 13.07 -5.75 14.93
N ASP B 243 12.14 -4.84 14.63
CA ASP B 243 12.27 -3.50 15.17
C ASP B 243 11.20 -3.34 16.24
N ILE B 244 11.37 -2.33 17.08
CA ILE B 244 10.41 -2.08 18.15
C ILE B 244 9.54 -0.89 17.74
N SER B 245 8.28 -1.16 17.44
CA SER B 245 7.38 -0.10 17.04
C SER B 245 6.21 0.08 18.00
N ASP B 246 5.84 -0.98 18.70
CA ASP B 246 4.73 -0.91 19.65
C ASP B 246 5.17 -0.83 21.10
N GLY B 247 6.39 -1.30 21.37
CA GLY B 247 6.91 -1.28 22.73
C GLY B 247 7.79 -2.50 22.94
N LEU B 248 8.84 -2.35 23.75
CA LEU B 248 9.76 -3.45 23.99
C LEU B 248 9.11 -4.75 24.45
N VAL B 249 8.35 -4.72 25.54
CA VAL B 249 7.72 -5.93 26.05
C VAL B 249 6.77 -6.56 25.04
N ALA B 250 5.89 -5.75 24.45
CA ALA B 250 4.93 -6.26 23.48
C ALA B 250 5.62 -6.87 22.26
N ASP B 251 6.65 -6.20 21.75
CA ASP B 251 7.35 -6.71 20.58
C ASP B 251 8.25 -7.90 20.91
N ALA B 252 8.83 -7.88 22.10
CA ALA B 252 9.68 -8.99 22.53
C ALA B 252 8.80 -10.24 22.60
N ASN B 253 7.53 -10.03 22.92
CA ASN B 253 6.56 -11.13 23.02
C ASN B 253 6.40 -11.81 21.66
N HIS B 254 6.36 -11.02 20.60
CA HIS B 254 6.23 -11.57 19.25
C HIS B 254 7.45 -12.42 18.90
N LEU B 255 8.63 -11.90 19.24
CA LEU B 255 9.88 -12.60 18.97
C LEU B 255 9.92 -13.91 19.75
N ALA B 256 9.56 -13.84 21.03
CA ALA B 256 9.56 -15.01 21.89
C ALA B 256 8.65 -16.12 21.34
N GLN B 257 7.43 -15.74 21.00
CA GLN B 257 6.47 -16.71 20.48
C GLN B 257 6.83 -17.30 19.11
N ARG B 258 7.32 -16.45 18.20
CA ARG B 258 7.67 -16.95 16.87
C ARG B 258 8.92 -17.81 16.92
N SER B 259 9.81 -17.54 17.87
CA SER B 259 11.03 -18.33 18.01
C SER B 259 10.79 -19.50 18.95
N GLY B 260 9.69 -19.45 19.69
CA GLY B 260 9.35 -20.52 20.62
C GLY B 260 10.32 -20.59 21.78
N VAL B 261 10.61 -19.43 22.38
CA VAL B 261 11.53 -19.38 23.50
C VAL B 261 11.08 -18.41 24.58
N LYS B 262 11.83 -18.35 25.67
CA LYS B 262 11.54 -17.45 26.77
C LYS B 262 12.56 -16.33 26.73
N ILE B 263 12.11 -15.09 26.93
CA ILE B 263 13.01 -13.96 26.92
C ILE B 263 13.06 -13.31 28.30
N GLU B 264 14.25 -13.27 28.88
CA GLU B 264 14.45 -12.68 30.19
C GLU B 264 15.15 -11.34 30.06
N ILE B 265 14.47 -10.29 30.48
CA ILE B 265 15.02 -8.94 30.39
C ILE B 265 15.29 -8.37 31.78
N LEU B 266 16.35 -7.58 31.88
CA LEU B 266 16.72 -6.94 33.14
C LEU B 266 16.52 -5.44 32.95
N SER B 267 15.56 -4.87 33.66
CA SER B 267 15.24 -3.45 33.54
C SER B 267 16.44 -2.53 33.75
N GLU B 268 17.34 -2.91 34.65
CA GLU B 268 18.52 -2.09 34.94
C GLU B 268 19.49 -1.96 33.78
N LYS B 269 19.32 -2.78 32.75
CA LYS B 269 20.21 -2.74 31.59
C LYS B 269 19.64 -1.97 30.40
N LEU B 270 18.36 -1.61 30.48
CA LEU B 270 17.72 -0.87 29.39
C LEU B 270 18.43 0.46 29.17
N PRO B 271 18.77 0.77 27.90
CA PRO B 271 19.46 2.03 27.58
C PRO B 271 18.51 3.22 27.63
N LEU B 272 18.81 4.17 28.52
CA LEU B 272 18.00 5.36 28.69
C LEU B 272 18.78 6.61 28.31
N SER B 273 18.14 7.53 27.60
CA SER B 273 18.80 8.77 27.21
C SER B 273 18.67 9.78 28.34
N ASN B 274 19.59 10.73 28.40
CA ASN B 274 19.50 11.72 29.46
C ASN B 274 18.30 12.62 29.21
N GLU B 275 17.89 12.74 27.96
CA GLU B 275 16.73 13.56 27.64
C GLU B 275 15.48 12.92 28.26
N LEU B 276 15.38 11.60 28.16
CA LEU B 276 14.24 10.90 28.73
C LEU B 276 14.22 11.08 30.25
N LYS B 277 15.39 10.97 30.88
CA LYS B 277 15.47 11.12 32.33
C LYS B 277 15.04 12.53 32.73
N MET B 278 15.47 13.52 31.95
CA MET B 278 15.10 14.90 32.25
C MET B 278 13.60 15.07 32.11
N TYR B 279 13.02 14.43 31.09
CA TYR B 279 11.59 14.51 30.86
C TYR B 279 10.82 13.89 32.04
N CYS B 280 11.24 12.71 32.46
CA CYS B 280 10.57 12.04 33.56
C CYS B 280 10.71 12.77 34.89
N GLU B 281 11.84 13.42 35.09
CA GLU B 281 12.08 14.17 36.31
C GLU B 281 11.19 15.40 36.33
N LYS B 282 11.10 16.08 35.19
CA LYS B 282 10.29 17.28 35.06
C LYS B 282 8.78 17.02 35.16
N TYR B 283 8.30 15.98 34.49
CA TYR B 283 6.88 15.68 34.50
C TYR B 283 6.47 14.55 35.45
N GLY B 284 7.38 14.15 36.33
CA GLY B 284 7.09 13.10 37.29
C GLY B 284 6.69 11.77 36.69
N LYS B 285 7.61 11.15 35.96
CA LYS B 285 7.36 9.86 35.33
C LYS B 285 8.49 8.89 35.64
N ASN B 286 8.30 7.62 35.28
CA ASN B 286 9.30 6.59 35.50
C ASN B 286 9.91 6.21 34.16
N PRO B 287 11.20 6.53 33.94
CA PRO B 287 11.86 6.20 32.67
C PRO B 287 11.79 4.72 32.28
N ILE B 288 11.83 3.84 33.27
CA ILE B 288 11.77 2.41 32.98
C ILE B 288 10.44 2.05 32.34
N GLU B 289 9.37 2.71 32.78
CA GLU B 289 8.03 2.47 32.23
C GLU B 289 8.04 2.82 30.74
N TYR B 290 8.68 3.93 30.41
CA TYR B 290 8.75 4.39 29.02
C TYR B 290 9.59 3.46 28.17
N ALA B 291 10.68 2.97 28.72
CA ALA B 291 11.55 2.06 27.98
C ALA B 291 10.87 0.71 27.72
N LEU B 292 10.06 0.26 28.66
CA LEU B 292 9.36 -1.01 28.53
C LEU B 292 8.09 -0.96 27.68
N PHE B 293 7.35 0.14 27.80
CA PHE B 293 6.07 0.24 27.09
C PHE B 293 5.91 1.36 26.06
N GLY B 294 6.92 2.20 25.92
CA GLY B 294 6.84 3.28 24.95
C GLY B 294 6.99 2.74 23.53
N GLY B 295 6.24 3.30 22.59
CA GLY B 295 6.34 2.83 21.23
C GLY B 295 6.98 3.82 20.26
N GLU B 296 7.06 3.40 19.01
CA GLU B 296 7.62 4.22 17.94
C GLU B 296 9.06 4.69 18.07
N ASP B 297 9.90 3.93 18.77
CA ASP B 297 11.30 4.33 18.86
C ASP B 297 12.01 3.83 17.61
N TYR B 298 11.51 2.75 17.04
CA TYR B 298 12.10 2.15 15.84
C TYR B 298 13.56 1.81 16.02
N GLN B 299 13.86 1.22 17.16
CA GLN B 299 15.20 0.73 17.46
C GLN B 299 15.07 -0.77 17.21
N LEU B 300 16.18 -1.47 17.13
CA LEU B 300 16.13 -2.89 16.87
C LEU B 300 16.17 -3.76 18.12
N LEU B 301 15.60 -4.95 17.99
CA LEU B 301 15.57 -5.95 19.06
C LEU B 301 16.03 -7.22 18.34
N PHE B 302 17.19 -7.74 18.73
CA PHE B 302 17.71 -8.93 18.08
C PHE B 302 18.47 -9.82 19.05
N THR B 303 18.76 -11.04 18.63
CA THR B 303 19.46 -12.00 19.47
C THR B 303 20.59 -12.70 18.73
N HIS B 304 21.62 -13.05 19.48
CA HIS B 304 22.79 -13.79 18.97
C HIS B 304 23.78 -13.95 20.11
N PRO B 305 24.76 -14.86 19.96
CA PRO B 305 25.76 -15.08 21.01
C PRO B 305 26.37 -13.77 21.49
N LYS B 306 26.57 -13.66 22.80
CA LYS B 306 27.16 -12.46 23.38
C LYS B 306 28.56 -12.24 22.82
N GLU B 307 29.19 -13.32 22.36
CA GLU B 307 30.54 -13.24 21.80
C GLU B 307 30.54 -12.31 20.60
N ARG B 308 29.43 -12.27 19.88
CA ARG B 308 29.31 -11.42 18.70
C ARG B 308 29.02 -9.98 19.11
N TRP B 309 29.78 -9.06 18.53
CA TRP B 309 29.64 -7.65 18.83
C TRP B 309 30.13 -6.83 17.63
N ASN B 310 30.10 -5.52 17.77
CA ASN B 310 30.58 -4.63 16.72
C ASN B 310 31.20 -3.42 17.39
N PRO B 311 32.45 -3.09 17.02
CA PRO B 311 33.13 -1.94 17.63
C PRO B 311 32.59 -0.56 17.28
N PHE B 312 31.61 -0.50 16.37
CA PHE B 312 31.06 0.79 15.96
C PHE B 312 29.57 1.00 16.23
N LEU B 313 28.87 -0.04 16.64
CA LEU B 313 27.44 0.06 16.90
C LEU B 313 27.07 0.23 18.36
N ASP B 314 26.05 1.04 18.61
CA ASP B 314 25.59 1.36 19.97
C ASP B 314 24.73 0.33 20.68
N MET B 315 24.76 -0.93 20.24
CA MET B 315 23.95 -1.97 20.87
C MET B 315 24.18 -2.20 22.35
N THR B 316 23.11 -2.54 23.06
CA THR B 316 23.16 -2.81 24.48
C THR B 316 22.51 -4.16 24.80
N GLU B 317 23.20 -4.98 25.56
CA GLU B 317 22.67 -6.29 25.94
C GLU B 317 21.66 -6.04 27.07
N ILE B 318 20.42 -6.45 26.86
CA ILE B 318 19.39 -6.24 27.87
C ILE B 318 18.83 -7.52 28.45
N GLY B 319 19.26 -8.67 27.91
CA GLY B 319 18.74 -9.93 28.42
C GLY B 319 19.30 -11.14 27.73
N ARG B 320 18.60 -12.26 27.85
CA ARG B 320 19.05 -13.50 27.23
C ARG B 320 17.87 -14.39 26.83
N VAL B 321 18.16 -15.37 25.98
CA VAL B 321 17.14 -16.30 25.51
C VAL B 321 17.26 -17.60 26.30
N GLU B 322 16.16 -18.02 26.91
CA GLU B 322 16.13 -19.25 27.70
C GLU B 322 15.01 -20.16 27.22
N GLU B 323 15.07 -21.43 27.61
CA GLU B 323 14.05 -22.39 27.22
C GLU B 323 12.74 -22.09 27.94
N GLY B 324 11.63 -22.17 27.21
CA GLY B 324 10.34 -21.91 27.81
C GLY B 324 9.48 -21.01 26.94
N GLU B 325 8.69 -20.17 27.57
CA GLU B 325 7.81 -19.26 26.84
C GLU B 325 7.55 -17.98 27.63
N GLY B 326 7.07 -16.95 26.93
CA GLY B 326 6.77 -15.69 27.57
C GLY B 326 7.96 -14.76 27.74
N VAL B 327 7.68 -13.53 28.13
CA VAL B 327 8.71 -12.53 28.35
C VAL B 327 8.71 -12.13 29.82
N PHE B 328 9.89 -12.12 30.42
CA PHE B 328 10.02 -11.77 31.83
C PHE B 328 10.90 -10.55 32.02
N VAL B 329 10.53 -9.70 32.97
CA VAL B 329 11.29 -8.50 33.29
C VAL B 329 11.67 -8.58 34.77
N ASP B 330 12.96 -8.71 35.04
CA ASP B 330 13.44 -8.80 36.42
C ASP B 330 12.89 -10.03 37.13
N GLY B 331 12.68 -11.10 36.37
CA GLY B 331 12.16 -12.32 36.95
C GLY B 331 10.65 -12.46 36.90
N LYS B 332 9.95 -11.34 36.78
CA LYS B 332 8.49 -11.37 36.71
C LYS B 332 8.03 -11.44 35.27
N LYS B 333 7.01 -12.26 35.02
CA LYS B 333 6.47 -12.43 33.68
C LYS B 333 5.63 -11.22 33.26
N VAL B 334 5.36 -10.34 34.22
CA VAL B 334 4.57 -9.13 33.98
C VAL B 334 3.43 -9.35 32.97
N GLU B 335 3.12 -8.31 32.21
CA GLU B 335 2.06 -8.37 31.22
C GLU B 335 2.40 -7.49 30.03
N PRO B 336 2.57 -8.10 28.83
CA PRO B 336 2.91 -7.33 27.64
C PRO B 336 1.80 -6.35 27.25
N LYS B 337 2.15 -5.07 27.20
CA LYS B 337 1.19 -4.04 26.85
C LYS B 337 1.34 -3.68 25.37
N GLY B 338 2.11 -2.62 25.10
CA GLY B 338 2.32 -2.22 23.72
C GLY B 338 1.10 -1.62 23.05
N TRP B 339 1.33 -0.77 22.06
CA TRP B 339 0.24 -0.12 21.36
C TRP B 339 -0.67 -1.10 20.62
N LYS B 340 -1.97 -0.86 20.73
CA LYS B 340 -2.98 -1.68 20.08
C LYS B 340 -3.93 -0.81 19.28
N HIS B 341 -4.24 -1.23 18.06
CA HIS B 341 -5.17 -0.50 17.23
C HIS B 341 -6.58 -0.81 17.69
N PHE B 342 -6.74 -2.06 18.17
CA PHE B 342 -8.02 -2.55 18.68
C PHE B 342 -7.88 -4.00 19.13
#